data_9KZ4
#
_entry.id   9KZ4
#
_cell.length_a   79.995
_cell.length_b   79.995
_cell.length_c   106.073
_cell.angle_alpha   90.000
_cell.angle_beta   90.000
_cell.angle_gamma   120.000
#
_symmetry.space_group_name_H-M   'P 32 2 1'
#
loop_
_entity.id
_entity.type
_entity.pdbx_description
1 polymer 'Dihydrofolate reductase'
2 non-polymer 'NADPH DIHYDRO-NICOTINAMIDE-ADENINE-DINUCLEOTIDE PHOSPHATE'
3 non-polymer [9-[5-[2-[4-[[2,4-bis(azanyl)pyrimidin-5-yl]methyl]-2,6-dimethoxy-phenoxy]ethylcarbamoyl]-2-carboxy-phenyl]-6-(dimethylamino)xanthen-3-ylidene]-dimethyl-azanium
4 non-polymer 'MAGNESIUM ION'
5 water water
#
_entity_poly.entity_id   1
_entity_poly.type   'polypeptide(L)'
_entity_poly.pdbx_seq_one_letter_code
;PISLIAALAVDRVIGMENAMPWNLPADLAWFKRNTLDKPVIMGRHTWESIGRPLPGRKNIILSSQPGTDDRVTWVKSVDE
AIAACGDVPEIMVIGGGRVYEQFLPKAQKLYLTHIDAEVEGDTHFPDYEPDDWESVFSEFHDADAQNSHSYCFEILERR
;
_entity_poly.pdbx_strand_id   B,A
#
# COMPACT_ATOMS: atom_id res chain seq x y z
N PRO A 1 17.39 -22.22 -10.82
CA PRO A 1 17.35 -21.61 -9.51
C PRO A 1 16.01 -20.99 -9.06
N ILE A 2 15.59 -19.80 -9.50
CA ILE A 2 14.65 -18.99 -8.72
C ILE A 2 13.37 -18.71 -9.51
N SER A 3 12.24 -19.03 -8.90
CA SER A 3 10.91 -18.76 -9.44
C SER A 3 10.09 -17.98 -8.42
N LEU A 4 9.20 -17.13 -8.91
CA LEU A 4 8.24 -16.44 -8.09
C LEU A 4 6.88 -17.09 -8.28
N ILE A 5 6.10 -17.21 -7.21
CA ILE A 5 4.72 -17.67 -7.35
C ILE A 5 3.82 -16.68 -6.61
N ALA A 6 2.74 -16.23 -7.27
CA ALA A 6 1.87 -15.20 -6.72
C ALA A 6 0.48 -15.28 -7.34
N ALA A 7 -0.52 -14.79 -6.59
CA ALA A 7 -1.89 -14.64 -7.07
C ALA A 7 -2.25 -13.17 -7.15
N LEU A 8 -2.70 -12.72 -8.32
CA LEU A 8 -2.93 -11.30 -8.59
C LEU A 8 -4.39 -11.08 -8.96
N ALA A 9 -5.05 -10.17 -8.25
CA ALA A 9 -6.36 -9.73 -8.66
C ALA A 9 -6.21 -8.59 -9.69
N VAL A 10 -7.31 -7.94 -10.06
CA VAL A 10 -7.22 -6.87 -11.05
C VAL A 10 -6.28 -5.79 -10.57
N ASP A 11 -5.53 -5.20 -11.50
CA ASP A 11 -4.58 -4.13 -11.22
C ASP A 11 -3.44 -4.60 -10.33
N ARG A 12 -3.13 -5.90 -10.37
CA ARG A 12 -2.00 -6.51 -9.68
C ARG A 12 -2.11 -6.47 -8.17
N VAL A 13 -3.31 -6.31 -7.62
CA VAL A 13 -3.48 -6.38 -6.16
C VAL A 13 -3.13 -7.76 -5.64
N ILE A 14 -2.28 -7.82 -4.61
CA ILE A 14 -1.97 -9.09 -3.96
C ILE A 14 -2.34 -9.12 -2.49
N GLY A 15 -2.56 -7.99 -1.82
CA GLY A 15 -2.77 -8.05 -0.39
C GLY A 15 -3.50 -6.83 0.14
N MET A 16 -4.16 -7.03 1.28
CA MET A 16 -4.83 -5.98 2.04
C MET A 16 -4.85 -6.38 3.51
N GLU A 17 -4.31 -5.51 4.37
CA GLU A 17 -4.31 -5.74 5.82
C GLU A 17 -3.68 -7.09 6.18
N ASN A 18 -2.58 -7.40 5.50
CA ASN A 18 -1.80 -8.62 5.74
C ASN A 18 -2.62 -9.89 5.52
N ALA A 19 -3.49 -9.87 4.52
CA ALA A 19 -4.17 -11.07 4.06
C ALA A 19 -4.42 -10.92 2.57
N MET A 20 -4.85 -12.03 1.93
CA MET A 20 -5.26 -11.92 0.54
C MET A 20 -6.75 -11.61 0.49
N PRO A 21 -7.18 -10.58 -0.23
CA PRO A 21 -8.58 -10.15 -0.19
C PRO A 21 -9.52 -11.00 -1.04
N TRP A 22 -9.44 -12.32 -0.88
CA TRP A 22 -10.31 -13.27 -1.57
C TRP A 22 -10.16 -14.61 -0.88
N ASN A 23 -11.01 -15.55 -1.27
CA ASN A 23 -10.92 -16.91 -0.76
C ASN A 23 -11.05 -17.85 -1.96
N LEU A 24 -9.92 -18.36 -2.42
CA LEU A 24 -9.87 -19.22 -3.60
C LEU A 24 -9.06 -20.47 -3.26
N PRO A 25 -9.70 -21.49 -2.69
CA PRO A 25 -8.99 -22.74 -2.40
C PRO A 25 -8.32 -23.35 -3.62
N ALA A 26 -8.84 -23.09 -4.82
CA ALA A 26 -8.21 -23.64 -6.02
C ALA A 26 -6.82 -23.05 -6.23
N ASP A 27 -6.66 -21.78 -5.89
CA ASP A 27 -5.33 -21.18 -5.97
C ASP A 27 -4.40 -21.77 -4.93
N LEU A 28 -4.90 -22.00 -3.71
CA LEU A 28 -4.03 -22.59 -2.69
C LEU A 28 -3.62 -24.01 -3.08
N ALA A 29 -4.50 -24.75 -3.77
CA ALA A 29 -4.12 -26.06 -4.26
C ALA A 29 -3.00 -25.97 -5.31
N TRP A 30 -3.14 -25.04 -6.24
CA TRP A 30 -2.10 -24.81 -7.25
C TRP A 30 -0.80 -24.39 -6.60
N PHE A 31 -0.88 -23.52 -5.59
CA PHE A 31 0.31 -23.13 -4.85
C PHE A 31 0.99 -24.34 -4.21
N LYS A 32 0.20 -25.23 -3.61
CA LYS A 32 0.78 -26.38 -2.94
C LYS A 32 1.42 -27.32 -3.95
N ARG A 33 0.72 -27.59 -5.05
CA ARG A 33 1.26 -28.46 -6.10
C ARG A 33 2.60 -27.95 -6.61
N ASN A 34 2.75 -26.64 -6.73
CA ASN A 34 3.94 -26.06 -7.34
C ASN A 34 5.03 -25.71 -6.34
N THR A 35 4.81 -25.88 -5.03
CA THR A 35 5.86 -25.62 -4.05
C THR A 35 6.24 -26.83 -3.21
N LEU A 36 5.42 -27.88 -3.15
CA LEU A 36 5.78 -29.04 -2.36
C LEU A 36 7.15 -29.58 -2.76
N ASP A 37 7.94 -29.97 -1.76
CA ASP A 37 9.29 -30.53 -1.95
C ASP A 37 10.27 -29.53 -2.54
N LYS A 38 10.02 -28.23 -2.35
CA LYS A 38 10.95 -27.19 -2.75
C LYS A 38 11.13 -26.21 -1.59
N PRO A 39 12.28 -25.55 -1.47
CA PRO A 39 12.40 -24.50 -0.45
C PRO A 39 11.53 -23.31 -0.81
N VAL A 40 10.94 -22.68 0.20
CA VAL A 40 10.13 -21.48 0.01
C VAL A 40 10.73 -20.34 0.82
N ILE A 41 10.91 -19.19 0.18
CA ILE A 41 11.40 -17.97 0.82
C ILE A 41 10.25 -16.98 0.92
N MET A 42 10.07 -16.39 2.09
CA MET A 42 8.98 -15.43 2.31
C MET A 42 9.44 -14.32 3.25
N GLY A 43 8.77 -13.16 3.14
CA GLY A 43 9.02 -12.08 4.06
C GLY A 43 8.30 -12.25 5.38
N ARG A 44 8.70 -11.43 6.36
CA ARG A 44 8.18 -11.57 7.71
C ARG A 44 6.66 -11.34 7.77
N HIS A 45 6.15 -10.38 6.99
CA HIS A 45 4.69 -10.14 7.00
C HIS A 45 3.94 -11.35 6.48
N THR A 46 4.43 -11.95 5.40
CA THR A 46 3.78 -13.14 4.84
C THR A 46 3.84 -14.32 5.80
N TRP A 47 4.99 -14.52 6.46
CA TRP A 47 5.09 -15.53 7.50
C TRP A 47 4.03 -15.31 8.58
N GLU A 48 3.83 -14.07 9.02
CA GLU A 48 2.87 -13.83 10.09
C GLU A 48 1.44 -14.04 9.62
N SER A 49 1.14 -13.67 8.36
CA SER A 49 -0.17 -13.93 7.78
C SER A 49 -0.50 -15.41 7.73
N ILE A 50 0.45 -16.23 7.30
CA ILE A 50 0.20 -17.68 7.21
C ILE A 50 0.11 -18.29 8.60
N GLY A 51 1.01 -17.90 9.50
CA GLY A 51 0.89 -18.25 10.90
C GLY A 51 1.39 -19.62 11.31
N ARG A 52 1.95 -20.41 10.38
CA ARG A 52 2.35 -21.78 10.66
C ARG A 52 3.35 -22.20 9.60
N PRO A 53 4.26 -23.12 9.90
CA PRO A 53 5.13 -23.66 8.84
C PRO A 53 4.34 -24.34 7.74
N LEU A 54 4.76 -24.17 6.50
CA LEU A 54 4.16 -24.90 5.40
C LEU A 54 4.77 -26.29 5.34
N PRO A 55 3.97 -27.35 5.47
CA PRO A 55 4.54 -28.70 5.54
C PRO A 55 5.16 -29.13 4.23
N GLY A 56 6.19 -29.98 4.32
CA GLY A 56 6.78 -30.59 3.14
C GLY A 56 7.69 -29.68 2.35
N ARG A 57 8.12 -28.56 2.95
CA ARG A 57 8.92 -27.52 2.31
C ARG A 57 9.84 -26.92 3.36
N LYS A 58 11.10 -26.64 2.99
CA LYS A 58 11.94 -25.87 3.91
C LYS A 58 11.46 -24.43 3.90
N ASN A 59 11.12 -23.91 5.09
CA ASN A 59 10.59 -22.55 5.24
C ASN A 59 11.73 -21.61 5.62
N ILE A 60 11.95 -20.57 4.81
CA ILE A 60 13.02 -19.59 5.04
C ILE A 60 12.38 -18.22 5.11
N ILE A 61 12.55 -17.54 6.25
CA ILE A 61 11.88 -16.26 6.51
C ILE A 61 12.92 -15.14 6.54
N LEU A 62 12.67 -14.10 5.78
CA LEU A 62 13.49 -12.89 5.80
C LEU A 62 13.04 -11.93 6.90
N SER A 63 13.98 -11.52 7.76
CA SER A 63 13.71 -10.44 8.70
C SER A 63 15.02 -9.77 9.07
N SER A 64 14.97 -8.48 9.34
CA SER A 64 16.15 -7.78 9.84
C SER A 64 16.41 -8.05 11.31
N GLN A 65 15.44 -8.61 12.03
CA GLN A 65 15.53 -8.84 13.46
C GLN A 65 15.75 -10.32 13.77
N PRO A 66 16.16 -10.64 14.99
CA PRO A 66 16.34 -12.06 15.35
C PRO A 66 15.06 -12.86 15.14
N GLY A 67 15.23 -14.15 14.85
CA GLY A 67 14.09 -14.99 14.57
C GLY A 67 13.25 -15.29 15.80
N THR A 68 11.97 -15.57 15.56
CA THR A 68 11.01 -15.75 16.66
C THR A 68 10.29 -17.09 16.60
N ASP A 69 10.79 -18.06 15.82
CA ASP A 69 10.14 -19.37 15.73
C ASP A 69 11.21 -20.37 15.32
N ASP A 70 11.56 -21.28 16.24
CA ASP A 70 12.61 -22.27 15.99
C ASP A 70 12.22 -23.31 14.96
N ARG A 71 10.96 -23.36 14.53
CA ARG A 71 10.52 -24.36 13.57
C ARG A 71 10.95 -24.04 12.14
N VAL A 72 11.43 -22.83 11.87
CA VAL A 72 11.75 -22.40 10.52
C VAL A 72 13.11 -21.71 10.54
N THR A 73 13.64 -21.42 9.34
CA THR A 73 14.95 -20.82 9.20
C THR A 73 14.81 -19.32 8.97
N TRP A 74 15.51 -18.52 9.79
CA TRP A 74 15.48 -17.06 9.72
C TRP A 74 16.78 -16.52 9.16
N VAL A 75 16.67 -15.59 8.20
CA VAL A 75 17.82 -15.03 7.51
C VAL A 75 17.67 -13.51 7.42
N LYS A 76 18.80 -12.80 7.36
CA LYS A 76 18.79 -11.34 7.42
C LYS A 76 19.12 -10.67 6.09
N SER A 77 19.14 -11.42 4.99
CA SER A 77 19.43 -10.84 3.69
C SER A 77 19.00 -11.81 2.61
N VAL A 78 18.80 -11.27 1.40
CA VAL A 78 18.47 -12.10 0.24
C VAL A 78 19.59 -13.12 -0.02
N ASP A 79 20.85 -12.69 0.11
CA ASP A 79 21.98 -13.61 -0.08
C ASP A 79 21.91 -14.79 0.88
N GLU A 80 21.62 -14.52 2.16
CA GLU A 80 21.54 -15.61 3.14
C GLU A 80 20.33 -16.50 2.88
N ALA A 81 19.24 -15.93 2.37
CA ALA A 81 18.06 -16.73 2.03
C ALA A 81 18.37 -17.74 0.94
N ILE A 82 19.04 -17.30 -0.12
CA ILE A 82 19.39 -18.21 -1.21
C ILE A 82 20.36 -19.28 -0.72
N ALA A 83 21.35 -18.88 0.09
CA ALA A 83 22.28 -19.85 0.64
C ALA A 83 21.58 -20.90 1.49
N ALA A 84 20.54 -20.50 2.22
CA ALA A 84 19.81 -21.45 3.06
C ALA A 84 19.06 -22.49 2.24
N CYS A 85 18.83 -22.24 0.96
CA CYS A 85 18.17 -23.23 0.13
C CYS A 85 19.08 -24.37 -0.27
N GLY A 86 20.39 -24.18 -0.21
CA GLY A 86 21.30 -25.20 -0.71
C GLY A 86 21.18 -25.35 -2.24
N ASP A 87 21.67 -26.48 -2.71
CA ASP A 87 21.64 -26.80 -4.14
C ASP A 87 20.36 -27.59 -4.40
N VAL A 88 19.37 -26.93 -4.99
CA VAL A 88 18.11 -27.61 -5.31
C VAL A 88 17.77 -27.29 -6.75
N PRO A 89 16.86 -28.07 -7.36
CA PRO A 89 16.46 -27.77 -8.74
C PRO A 89 15.76 -26.43 -8.90
N GLU A 90 15.04 -25.96 -7.87
CA GLU A 90 14.22 -24.76 -8.01
C GLU A 90 13.90 -24.17 -6.64
N ILE A 91 14.17 -22.86 -6.49
CA ILE A 91 13.84 -22.11 -5.29
C ILE A 91 12.54 -21.35 -5.56
N MET A 92 11.57 -21.42 -4.63
CA MET A 92 10.27 -20.77 -4.79
C MET A 92 10.20 -19.56 -3.86
N VAL A 93 9.97 -18.37 -4.42
CA VAL A 93 9.75 -17.15 -3.64
C VAL A 93 8.25 -16.93 -3.55
N ILE A 94 7.70 -16.87 -2.33
CA ILE A 94 6.25 -16.97 -2.17
C ILE A 94 5.62 -15.69 -1.59
N GLY A 95 6.35 -14.57 -1.54
CA GLY A 95 5.79 -13.28 -1.15
C GLY A 95 6.51 -12.70 0.06
N GLY A 96 6.12 -11.47 0.42
CA GLY A 96 5.07 -10.69 -0.19
C GLY A 96 5.59 -9.63 -1.14
N GLY A 97 4.94 -8.46 -1.17
CA GLY A 97 5.28 -7.45 -2.16
C GLY A 97 6.75 -7.03 -2.10
N ARG A 98 7.25 -6.77 -0.89
CA ARG A 98 8.62 -6.30 -0.76
C ARG A 98 9.62 -7.38 -1.16
N VAL A 99 9.33 -8.64 -0.83
CA VAL A 99 10.22 -9.73 -1.21
C VAL A 99 10.16 -9.98 -2.72
N TYR A 100 8.96 -9.95 -3.31
CA TYR A 100 8.88 -10.08 -4.77
C TYR A 100 9.72 -9.04 -5.49
N GLU A 101 9.66 -7.79 -5.02
CA GLU A 101 10.40 -6.71 -5.68
C GLU A 101 11.90 -7.00 -5.73
N GLN A 102 12.44 -7.63 -4.69
CA GLN A 102 13.86 -7.89 -4.62
C GLN A 102 14.28 -9.13 -5.41
N PHE A 103 13.37 -10.09 -5.59
CA PHE A 103 13.72 -11.35 -6.24
C PHE A 103 13.36 -11.38 -7.71
N LEU A 104 12.45 -10.52 -8.17
CA LEU A 104 12.05 -10.52 -9.57
C LEU A 104 13.22 -10.41 -10.54
N PRO A 105 14.21 -9.52 -10.36
CA PRO A 105 15.35 -9.52 -11.29
C PRO A 105 16.11 -10.83 -11.31
N LYS A 106 16.11 -11.59 -10.21
CA LYS A 106 16.82 -12.86 -10.16
C LYS A 106 16.01 -14.02 -10.73
N ALA A 107 14.72 -13.83 -11.05
CA ALA A 107 13.84 -14.94 -11.33
C ALA A 107 13.87 -15.32 -12.81
N GLN A 108 13.82 -16.62 -13.08
CA GLN A 108 13.69 -17.09 -14.45
C GLN A 108 12.29 -17.62 -14.79
N LYS A 109 11.40 -17.71 -13.80
CA LYS A 109 10.08 -18.28 -13.99
C LYS A 109 9.09 -17.55 -13.09
N LEU A 110 7.90 -17.28 -13.60
CA LEU A 110 6.78 -16.75 -12.81
C LEU A 110 5.60 -17.72 -12.89
N TYR A 111 5.08 -18.11 -11.72
CA TYR A 111 3.83 -18.87 -11.64
C TYR A 111 2.76 -17.89 -11.16
N LEU A 112 1.82 -17.54 -12.04
CA LEU A 112 0.87 -16.49 -11.74
C LEU A 112 -0.55 -17.03 -11.76
N THR A 113 -1.35 -16.59 -10.80
CA THR A 113 -2.79 -16.81 -10.82
C THR A 113 -3.43 -15.45 -11.07
N HIS A 114 -4.23 -15.35 -12.14
CA HIS A 114 -4.93 -14.11 -12.43
C HIS A 114 -6.39 -14.27 -12.01
N ILE A 115 -6.82 -13.47 -11.05
CA ILE A 115 -8.13 -13.60 -10.44
C ILE A 115 -9.04 -12.50 -10.96
N ASP A 116 -10.23 -12.89 -11.39
CA ASP A 116 -11.22 -11.95 -11.89
C ASP A 116 -12.01 -11.38 -10.70
N ALA A 117 -11.36 -10.49 -9.96
CA ALA A 117 -12.00 -9.81 -8.84
C ALA A 117 -11.43 -8.41 -8.74
N GLU A 118 -12.31 -7.44 -8.52
CA GLU A 118 -11.92 -6.04 -8.34
C GLU A 118 -12.01 -5.78 -6.84
N VAL A 119 -10.87 -5.74 -6.18
CA VAL A 119 -10.78 -5.61 -4.73
C VAL A 119 -9.78 -4.51 -4.41
N GLU A 120 -9.94 -3.90 -3.23
CA GLU A 120 -8.98 -2.91 -2.76
C GLU A 120 -7.77 -3.61 -2.17
N GLY A 121 -6.59 -3.03 -2.38
CA GLY A 121 -5.38 -3.59 -1.81
C GLY A 121 -4.49 -2.50 -1.24
N ASP A 122 -3.55 -2.92 -0.39
CA ASP A 122 -2.47 -2.05 0.03
C ASP A 122 -1.12 -2.58 -0.43
N THR A 123 -1.10 -3.70 -1.16
CA THR A 123 0.12 -4.32 -1.63
C THR A 123 -0.13 -4.81 -3.05
N HIS A 124 0.82 -4.55 -3.95
CA HIS A 124 0.70 -4.93 -5.35
C HIS A 124 1.92 -5.76 -5.76
N PHE A 125 1.71 -6.62 -6.75
CA PHE A 125 2.81 -7.31 -7.39
C PHE A 125 3.65 -6.29 -8.18
N PRO A 126 4.97 -6.47 -8.26
CA PRO A 126 5.78 -5.52 -9.03
C PRO A 126 5.36 -5.50 -10.50
N ASP A 127 5.51 -4.34 -11.12
CA ASP A 127 5.10 -4.18 -12.51
C ASP A 127 6.21 -4.75 -13.39
N TYR A 128 6.03 -5.98 -13.87
CA TYR A 128 7.02 -6.62 -14.73
C TYR A 128 6.74 -6.28 -16.19
N GLU A 129 7.81 -6.24 -16.98
CA GLU A 129 7.68 -5.94 -18.40
C GLU A 129 7.27 -7.22 -19.14
N PRO A 130 6.06 -7.27 -19.70
CA PRO A 130 5.60 -8.51 -20.33
C PRO A 130 6.40 -8.90 -21.54
N ASP A 131 7.07 -7.95 -22.21
CA ASP A 131 7.92 -8.28 -23.34
C ASP A 131 9.15 -9.08 -22.95
N ASP A 132 9.48 -9.16 -21.66
CA ASP A 132 10.63 -9.95 -21.21
C ASP A 132 10.28 -11.40 -20.92
N TRP A 133 9.00 -11.77 -21.00
CA TRP A 133 8.54 -13.07 -20.56
C TRP A 133 7.75 -13.75 -21.67
N GLU A 134 7.93 -15.07 -21.79
CA GLU A 134 7.17 -15.90 -22.70
C GLU A 134 6.20 -16.75 -21.89
N SER A 135 4.92 -16.72 -22.26
CA SER A 135 3.93 -17.55 -21.60
C SER A 135 4.03 -18.97 -22.14
N VAL A 136 4.38 -19.93 -21.26
CA VAL A 136 4.56 -21.31 -21.68
C VAL A 136 3.40 -22.21 -21.25
N PHE A 137 2.51 -21.72 -20.39
CA PHE A 137 1.38 -22.53 -19.94
C PHE A 137 0.28 -21.59 -19.47
N SER A 138 -0.97 -21.92 -19.79
CA SER A 138 -2.09 -21.17 -19.26
C SER A 138 -3.29 -22.10 -19.17
N GLU A 139 -4.15 -21.83 -18.20
CA GLU A 139 -5.28 -22.70 -17.90
C GLU A 139 -6.37 -21.86 -17.24
N PHE A 140 -7.55 -21.80 -17.85
CA PHE A 140 -8.63 -20.95 -17.39
C PHE A 140 -9.68 -21.76 -16.63
N HIS A 141 -10.24 -21.18 -15.57
CA HIS A 141 -11.26 -21.83 -14.77
C HIS A 141 -12.39 -20.86 -14.45
N ASP A 142 -13.61 -21.38 -14.46
CA ASP A 142 -14.75 -20.61 -13.99
C ASP A 142 -14.85 -20.70 -12.47
N ALA A 143 -15.63 -19.79 -11.90
CA ALA A 143 -16.03 -19.94 -10.52
C ALA A 143 -16.75 -21.27 -10.32
N ASP A 144 -16.72 -21.78 -9.09
CA ASP A 144 -17.48 -22.97 -8.75
C ASP A 144 -17.88 -22.88 -7.29
N ALA A 145 -18.39 -23.98 -6.75
CA ALA A 145 -18.98 -23.94 -5.41
C ALA A 145 -17.96 -23.54 -4.35
N GLN A 146 -16.68 -23.83 -4.60
CA GLN A 146 -15.62 -23.56 -3.64
C GLN A 146 -14.87 -22.28 -3.93
N ASN A 147 -14.99 -21.75 -5.14
CA ASN A 147 -14.18 -20.62 -5.62
C ASN A 147 -15.10 -19.56 -6.19
N SER A 148 -15.24 -18.45 -5.47
CA SER A 148 -16.23 -17.42 -5.79
C SER A 148 -15.87 -16.60 -7.03
N HIS A 149 -14.63 -16.65 -7.51
CA HIS A 149 -14.24 -15.91 -8.70
C HIS A 149 -13.65 -16.84 -9.74
N SER A 150 -13.77 -16.45 -11.02
CA SER A 150 -13.01 -17.11 -12.06
C SER A 150 -11.54 -16.72 -11.97
N TYR A 151 -10.68 -17.55 -12.54
CA TYR A 151 -9.24 -17.35 -12.39
C TYR A 151 -8.54 -18.12 -13.49
N CYS A 152 -7.28 -17.76 -13.74
CA CYS A 152 -6.47 -18.41 -14.76
C CYS A 152 -5.08 -18.64 -14.19
N PHE A 153 -4.53 -19.84 -14.45
CA PHE A 153 -3.16 -20.13 -14.07
C PHE A 153 -2.24 -19.90 -15.26
N GLU A 154 -1.05 -19.35 -15.00
CA GLU A 154 -0.08 -19.07 -16.05
C GLU A 154 1.32 -19.36 -15.56
N ILE A 155 2.19 -19.87 -16.43
CA ILE A 155 3.61 -19.97 -16.15
C ILE A 155 4.35 -19.17 -17.22
N LEU A 156 5.16 -18.21 -16.78
CA LEU A 156 5.96 -17.39 -17.68
C LEU A 156 7.42 -17.75 -17.53
N GLU A 157 8.14 -17.78 -18.64
CA GLU A 157 9.58 -18.03 -18.62
C GLU A 157 10.31 -16.80 -19.13
N ARG A 158 11.40 -16.46 -18.47
CA ARG A 158 12.19 -15.29 -18.81
C ARG A 158 12.81 -15.47 -20.19
N ARG A 159 12.51 -14.55 -21.09
CA ARG A 159 12.99 -14.61 -22.48
C ARG A 159 14.51 -14.45 -22.54
N PRO B 1 -8.43 22.05 18.13
CA PRO B 1 -8.10 22.92 17.00
C PRO B 1 -7.47 22.15 15.84
N ILE B 2 -7.72 20.84 15.72
CA ILE B 2 -7.07 20.02 14.71
C ILE B 2 -8.04 19.80 13.55
N SER B 3 -7.57 20.05 12.33
CA SER B 3 -8.32 19.77 11.11
C SER B 3 -7.52 18.83 10.23
N LEU B 4 -8.20 17.93 9.54
CA LEU B 4 -7.59 17.14 8.48
C LEU B 4 -8.02 17.71 7.14
N ILE B 5 -7.09 17.73 6.19
CA ILE B 5 -7.42 18.07 4.80
C ILE B 5 -6.92 16.93 3.91
N ALA B 6 -7.78 16.46 3.01
CA ALA B 6 -7.43 15.29 2.20
C ALA B 6 -8.30 15.27 0.95
N ALA B 7 -7.77 14.64 -0.10
CA ALA B 7 -8.49 14.41 -1.35
C ALA B 7 -8.72 12.91 -1.53
N LEU B 8 -9.98 12.51 -1.69
CA LEU B 8 -10.38 11.10 -1.68
C LEU B 8 -11.06 10.73 -2.98
N ALA B 9 -10.60 9.66 -3.62
CA ALA B 9 -11.31 9.13 -4.78
C ALA B 9 -12.26 8.02 -4.33
N VAL B 10 -12.79 7.26 -5.30
CA VAL B 10 -13.75 6.20 -4.95
C VAL B 10 -13.08 5.17 -4.05
N ASP B 11 -13.85 4.64 -3.11
CA ASP B 11 -13.38 3.68 -2.10
C ASP B 11 -12.31 4.30 -1.20
N ARG B 12 -12.33 5.63 -1.07
CA ARG B 12 -11.45 6.40 -0.20
C ARG B 12 -9.97 6.28 -0.58
N VAL B 13 -9.67 5.98 -1.84
CA VAL B 13 -8.28 5.95 -2.29
C VAL B 13 -7.67 7.35 -2.20
N ILE B 14 -6.49 7.45 -1.59
CA ILE B 14 -5.77 8.71 -1.52
C ILE B 14 -4.40 8.66 -2.17
N GLY B 15 -3.82 7.48 -2.43
CA GLY B 15 -2.47 7.45 -2.94
C GLY B 15 -2.13 6.15 -3.63
N MET B 16 -1.12 6.21 -4.48
CA MET B 16 -0.59 5.04 -5.17
C MET B 16 0.89 5.30 -5.45
N GLU B 17 1.76 4.41 -4.94
CA GLU B 17 3.19 4.48 -5.22
C GLU B 17 3.78 5.84 -4.83
N ASN B 18 3.30 6.36 -3.69
CA ASN B 18 3.79 7.62 -3.09
C ASN B 18 3.50 8.84 -3.97
N ALA B 19 2.41 8.78 -4.73
CA ALA B 19 1.86 9.92 -5.45
C ALA B 19 0.35 9.84 -5.39
N MET B 20 -0.33 10.87 -5.93
CA MET B 20 -1.79 10.86 -6.02
C MET B 20 -2.18 10.49 -7.45
N PRO B 21 -3.05 9.48 -7.63
CA PRO B 21 -3.32 8.94 -8.98
C PRO B 21 -4.36 9.72 -9.79
N TRP B 22 -4.13 11.03 -9.93
CA TRP B 22 -5.02 11.92 -10.68
C TRP B 22 -4.25 13.21 -10.95
N ASN B 23 -4.86 14.11 -11.75
CA ASN B 23 -4.28 15.43 -12.03
C ASN B 23 -5.34 16.47 -11.67
N LEU B 24 -5.24 17.04 -10.48
CA LEU B 24 -6.21 18.04 -10.02
C LEU B 24 -5.46 19.27 -9.50
N PRO B 25 -4.93 20.10 -10.39
CA PRO B 25 -4.35 21.38 -9.92
C PRO B 25 -5.35 22.22 -9.14
N ALA B 26 -6.65 22.12 -9.46
CA ALA B 26 -7.63 22.86 -8.68
C ALA B 26 -7.67 22.40 -7.23
N ASP B 27 -7.45 21.11 -6.98
CA ASP B 27 -7.40 20.62 -5.60
C ASP B 27 -6.17 21.16 -4.89
N LEU B 28 -5.03 21.21 -5.59
CA LEU B 28 -3.84 21.76 -4.98
C LEU B 28 -4.01 23.24 -4.66
N ALA B 29 -4.75 23.98 -5.49
CA ALA B 29 -5.00 25.38 -5.18
C ALA B 29 -5.90 25.51 -3.94
N TRP B 30 -6.91 24.65 -3.83
CA TRP B 30 -7.76 24.60 -2.64
C TRP B 30 -6.96 24.23 -1.40
N PHE B 31 -6.09 23.22 -1.52
CA PHE B 31 -5.19 22.87 -0.44
C PHE B 31 -4.37 24.06 0.04
N LYS B 32 -3.73 24.77 -0.89
CA LYS B 32 -2.89 25.89 -0.51
C LYS B 32 -3.71 26.97 0.17
N ARG B 33 -4.88 27.29 -0.39
CA ARG B 33 -5.71 28.35 0.19
C ARG B 33 -6.08 28.04 1.63
N ASN B 34 -6.38 26.78 1.93
CA ASN B 34 -6.83 26.39 3.26
C ASN B 34 -5.69 26.01 4.20
N THR B 35 -4.43 26.05 3.77
CA THR B 35 -3.32 25.78 4.68
C THR B 35 -2.35 26.94 4.85
N LEU B 36 -2.32 27.92 3.94
CA LEU B 36 -1.39 29.03 4.08
C LEU B 36 -1.56 29.70 5.44
N ASP B 37 -0.43 30.06 6.06
CA ASP B 37 -0.36 30.76 7.34
C ASP B 37 -0.79 29.88 8.51
N LYS B 38 -0.86 28.57 8.32
CA LYS B 38 -1.16 27.60 9.37
C LYS B 38 -0.07 26.55 9.40
N PRO B 39 0.20 25.97 10.57
CA PRO B 39 1.18 24.87 10.60
C PRO B 39 0.59 23.63 9.98
N VAL B 40 1.42 22.88 9.27
CA VAL B 40 1.00 21.63 8.65
C VAL B 40 1.79 20.47 9.25
N ILE B 41 1.08 19.41 9.60
CA ILE B 41 1.69 18.16 10.09
C ILE B 41 1.57 17.12 9.00
N MET B 42 2.68 16.47 8.66
CA MET B 42 2.67 15.43 7.65
C MET B 42 3.58 14.28 8.03
N GLY B 43 3.28 13.08 7.50
CA GLY B 43 4.17 11.96 7.70
C GLY B 43 5.39 12.01 6.78
N ARG B 44 6.39 11.19 7.08
CA ARG B 44 7.64 11.26 6.30
C ARG B 44 7.43 10.87 4.84
N HIS B 45 6.54 9.92 4.56
CA HIS B 45 6.32 9.56 3.16
C HIS B 45 5.71 10.70 2.37
N THR B 46 4.76 11.42 2.97
CA THR B 46 4.17 12.57 2.31
C THR B 46 5.21 13.67 2.08
N TRP B 47 6.09 13.89 3.06
CA TRP B 47 7.21 14.81 2.90
C TRP B 47 8.05 14.45 1.67
N GLU B 48 8.39 13.17 1.52
CA GLU B 48 9.18 12.75 0.36
C GLU B 48 8.39 12.91 -0.93
N SER B 49 7.07 12.68 -0.89
CA SER B 49 6.26 12.81 -2.09
C SER B 49 6.16 14.26 -2.56
N ILE B 50 5.99 15.20 -1.62
CA ILE B 50 5.93 16.61 -1.99
C ILE B 50 7.29 17.10 -2.46
N GLY B 51 8.35 16.66 -1.78
CA GLY B 51 9.71 16.86 -2.24
C GLY B 51 10.31 18.23 -1.98
N ARG B 52 9.59 19.13 -1.32
CA ARG B 52 10.11 20.44 -0.95
C ARG B 52 9.28 20.96 0.21
N PRO B 53 9.80 21.90 0.98
CA PRO B 53 8.97 22.54 2.02
C PRO B 53 7.80 23.28 1.37
N LEU B 54 6.68 23.30 2.08
CA LEU B 54 5.55 24.10 1.63
C LEU B 54 5.72 25.55 2.10
N PRO B 55 5.85 26.52 1.20
CA PRO B 55 6.14 27.89 1.63
C PRO B 55 4.99 28.52 2.40
N GLY B 56 5.34 29.43 3.29
CA GLY B 56 4.33 30.18 4.00
C GLY B 56 3.58 29.42 5.08
N ARG B 57 4.14 28.30 5.54
CA ARG B 57 3.55 27.43 6.53
C ARG B 57 4.67 26.82 7.36
N LYS B 58 4.43 26.63 8.66
CA LYS B 58 5.37 25.83 9.44
C LYS B 58 5.23 24.36 9.07
N ASN B 59 6.30 23.75 8.54
CA ASN B 59 6.28 22.35 8.13
C ASN B 59 6.76 21.46 9.28
N ILE B 60 5.90 20.56 9.75
CA ILE B 60 6.23 19.63 10.82
C ILE B 60 6.13 18.22 10.26
N ILE B 61 7.23 17.47 10.32
CA ILE B 61 7.31 16.12 9.74
C ILE B 61 7.43 15.10 10.86
N LEU B 62 6.55 14.09 10.84
CA LEU B 62 6.62 12.98 11.77
C LEU B 62 7.57 11.90 11.26
N SER B 63 8.48 11.46 12.12
CA SER B 63 9.30 10.29 11.82
C SER B 63 9.78 9.73 13.14
N SER B 64 9.90 8.42 13.21
CA SER B 64 10.48 7.79 14.41
C SER B 64 11.99 7.97 14.48
N GLN B 65 12.61 8.36 13.39
CA GLN B 65 14.07 8.51 13.32
C GLN B 65 14.46 9.96 13.46
N PRO B 66 15.72 10.25 13.78
CA PRO B 66 16.15 11.65 13.86
C PRO B 66 15.98 12.37 12.52
N GLY B 67 15.75 13.68 12.62
CA GLY B 67 15.45 14.46 11.42
C GLY B 67 16.61 14.54 10.46
N THR B 68 16.27 14.61 9.17
CA THR B 68 17.21 14.45 8.07
C THR B 68 17.24 15.63 7.12
N ASP B 69 16.70 16.76 7.54
CA ASP B 69 16.56 17.88 6.62
C ASP B 69 16.36 19.14 7.45
N ASP B 70 17.34 20.03 7.41
CA ASP B 70 17.31 21.22 8.24
C ASP B 70 16.26 22.22 7.79
N ARG B 71 15.59 22.00 6.66
CA ARG B 71 14.61 22.98 6.20
C ARG B 71 13.27 22.91 6.93
N VAL B 72 13.00 21.83 7.65
CA VAL B 72 11.70 21.59 8.27
C VAL B 72 11.90 21.16 9.72
N THR B 73 10.80 21.12 10.47
CA THR B 73 10.81 20.70 11.86
C THR B 73 10.45 19.22 11.95
N TRP B 74 11.27 18.44 12.65
CA TRP B 74 11.04 17.01 12.81
C TRP B 74 10.55 16.71 14.22
N VAL B 75 9.58 15.81 14.34
CA VAL B 75 9.01 15.38 15.61
C VAL B 75 8.83 13.88 15.60
N LYS B 76 8.82 13.29 16.79
CA LYS B 76 8.84 11.83 16.94
C LYS B 76 7.57 11.25 17.54
N SER B 77 6.50 12.04 17.68
CA SER B 77 5.24 11.51 18.20
C SER B 77 4.09 12.44 17.82
N VAL B 78 2.87 11.89 17.91
CA VAL B 78 1.67 12.68 17.66
C VAL B 78 1.61 13.88 18.62
N ASP B 79 1.91 13.66 19.90
CA ASP B 79 1.84 14.75 20.87
C ASP B 79 2.91 15.81 20.62
N GLU B 80 4.12 15.39 20.22
CA GLU B 80 5.17 16.35 19.90
C GLU B 80 4.80 17.16 18.66
N ALA B 81 4.12 16.55 17.70
CA ALA B 81 3.69 17.28 16.51
C ALA B 81 2.71 18.39 16.87
N ILE B 82 1.74 18.08 17.72
CA ILE B 82 0.74 19.08 18.13
C ILE B 82 1.41 20.20 18.92
N ALA B 83 2.32 19.84 19.84
CA ALA B 83 3.00 20.85 20.63
C ALA B 83 3.87 21.77 19.76
N ALA B 84 4.48 21.23 18.70
CA ALA B 84 5.31 22.05 17.82
C ALA B 84 4.51 23.11 17.06
N CYS B 85 3.18 23.00 17.05
CA CYS B 85 2.32 23.98 16.41
C CYS B 85 2.13 25.25 17.25
N GLY B 86 2.42 25.22 18.55
CA GLY B 86 2.11 26.36 19.38
C GLY B 86 0.61 26.56 19.58
N ASP B 87 0.27 27.74 20.11
CA ASP B 87 -1.13 28.08 20.35
C ASP B 87 -1.66 28.86 19.13
N VAL B 88 -2.03 28.09 18.12
CA VAL B 88 -2.58 28.66 16.90
C VAL B 88 -4.06 28.35 16.89
N PRO B 89 -4.88 29.08 16.14
CA PRO B 89 -6.30 28.75 16.09
C PRO B 89 -6.61 27.48 15.31
N GLU B 90 -5.73 27.03 14.42
CA GLU B 90 -6.02 25.83 13.62
C GLU B 90 -4.75 25.10 13.22
N ILE B 91 -4.75 23.79 13.45
CA ILE B 91 -3.66 22.89 13.07
C ILE B 91 -4.14 22.05 11.88
N MET B 92 -3.36 22.02 10.80
CA MET B 92 -3.74 21.30 9.58
C MET B 92 -2.94 20.00 9.46
N VAL B 93 -3.61 18.87 9.46
CA VAL B 93 -2.98 17.56 9.24
C VAL B 93 -3.15 17.23 7.76
N ILE B 94 -2.04 17.03 7.05
CA ILE B 94 -2.10 17.01 5.59
C ILE B 94 -1.74 15.65 4.98
N GLY B 95 -1.63 14.60 5.79
CA GLY B 95 -1.43 13.25 5.28
C GLY B 95 -0.13 12.63 5.77
N GLY B 96 0.11 11.38 5.37
CA GLY B 96 -0.75 10.56 4.51
C GLY B 96 -1.62 9.59 5.28
N GLY B 97 -1.82 8.38 4.74
CA GLY B 97 -2.78 7.46 5.33
C GLY B 97 -2.47 7.09 6.77
N ARG B 98 -1.21 6.82 7.06
CA ARG B 98 -0.79 6.46 8.42
C ARG B 98 -1.00 7.61 9.39
N VAL B 99 -0.73 8.84 8.95
CA VAL B 99 -0.92 9.99 9.82
C VAL B 99 -2.41 10.27 10.03
N TYR B 100 -3.21 10.20 8.96
CA TYR B 100 -4.66 10.44 9.10
C TYR B 100 -5.31 9.49 10.10
N GLU B 101 -4.88 8.22 10.11
CA GLU B 101 -5.55 7.28 10.99
C GLU B 101 -5.30 7.60 12.45
N GLN B 102 -4.18 8.26 12.76
CA GLN B 102 -3.89 8.62 14.14
C GLN B 102 -4.54 9.94 14.55
N PHE B 103 -4.76 10.86 13.60
CA PHE B 103 -5.25 12.18 13.93
C PHE B 103 -6.75 12.34 13.73
N LEU B 104 -7.39 11.47 12.93
CA LEU B 104 -8.84 11.57 12.76
C LEU B 104 -9.60 11.56 14.08
N PRO B 105 -9.30 10.68 15.05
CA PRO B 105 -10.06 10.74 16.33
C PRO B 105 -9.85 12.04 17.10
N LYS B 106 -8.80 12.81 16.80
CA LYS B 106 -8.51 14.07 17.46
C LYS B 106 -9.04 15.28 16.69
N ALA B 107 -9.62 15.09 15.52
CA ALA B 107 -9.96 16.19 14.63
C ALA B 107 -11.36 16.72 14.89
N GLN B 108 -11.51 18.04 14.79
CA GLN B 108 -12.80 18.70 14.88
C GLN B 108 -13.38 19.08 13.53
N LYS B 109 -12.58 18.98 12.46
CA LYS B 109 -13.01 19.48 11.16
C LYS B 109 -12.29 18.70 10.08
N LEU B 110 -12.99 18.43 8.98
CA LEU B 110 -12.43 17.78 7.80
C LEU B 110 -12.61 18.69 6.60
N TYR B 111 -11.53 18.93 5.85
CA TYR B 111 -11.63 19.57 4.54
C TYR B 111 -11.40 18.46 3.51
N LEU B 112 -12.46 18.04 2.82
CA LEU B 112 -12.40 16.90 1.92
C LEU B 112 -12.62 17.34 0.47
N THR B 113 -11.84 16.75 -0.42
CA THR B 113 -12.12 16.83 -1.85
C THR B 113 -12.59 15.47 -2.30
N HIS B 114 -13.84 15.38 -2.76
CA HIS B 114 -14.42 14.12 -3.19
C HIS B 114 -14.26 14.03 -4.70
N ILE B 115 -13.48 13.05 -5.16
CA ILE B 115 -13.08 12.95 -6.56
C ILE B 115 -13.85 11.81 -7.21
N ASP B 116 -14.49 12.12 -8.36
CA ASP B 116 -15.23 11.12 -9.14
C ASP B 116 -14.25 10.35 -10.02
N ALA B 117 -13.47 9.47 -9.38
CA ALA B 117 -12.43 8.72 -10.06
C ALA B 117 -12.37 7.33 -9.48
N GLU B 118 -12.44 6.32 -10.35
CA GLU B 118 -12.21 4.93 -9.97
C GLU B 118 -10.79 4.61 -10.36
N VAL B 119 -9.85 4.75 -9.41
CA VAL B 119 -8.44 4.63 -9.73
C VAL B 119 -7.79 3.63 -8.78
N GLU B 120 -6.66 3.09 -9.20
CA GLU B 120 -5.96 2.17 -8.34
C GLU B 120 -5.28 2.93 -7.22
N GLY B 121 -5.18 2.27 -6.06
CA GLY B 121 -4.51 2.90 -4.94
C GLY B 121 -3.88 1.85 -4.05
N ASP B 122 -2.93 2.28 -3.22
CA ASP B 122 -2.40 1.43 -2.18
C ASP B 122 -2.54 2.05 -0.80
N THR B 123 -3.15 3.24 -0.72
CA THR B 123 -3.29 4.01 0.52
C THR B 123 -4.69 4.59 0.52
N HIS B 124 -5.35 4.53 1.68
CA HIS B 124 -6.75 4.92 1.78
C HIS B 124 -6.97 5.82 2.99
N PHE B 125 -7.97 6.70 2.87
CA PHE B 125 -8.41 7.50 4.00
C PHE B 125 -9.18 6.61 4.98
N PRO B 126 -9.14 6.92 6.29
CA PRO B 126 -9.89 6.11 7.27
C PRO B 126 -11.38 6.08 6.97
N ASP B 127 -12.02 4.98 7.35
CA ASP B 127 -13.47 4.85 7.15
C ASP B 127 -14.19 5.61 8.25
N TYR B 128 -14.41 6.89 8.02
CA TYR B 128 -15.15 7.72 8.97
C TYR B 128 -16.65 7.50 8.82
N GLU B 129 -17.40 7.91 9.85
CA GLU B 129 -18.85 7.75 9.83
C GLU B 129 -19.50 9.07 9.50
N PRO B 130 -20.15 9.22 8.35
CA PRO B 130 -20.77 10.51 8.00
C PRO B 130 -21.78 10.99 9.01
N ASP B 131 -22.42 10.09 9.77
CA ASP B 131 -23.41 10.50 10.75
C ASP B 131 -22.82 11.36 11.85
N ASP B 132 -21.51 11.26 12.09
CA ASP B 132 -20.85 12.03 13.14
C ASP B 132 -20.44 13.44 12.71
N TRP B 133 -20.64 13.79 11.44
CA TRP B 133 -20.15 15.06 10.92
C TRP B 133 -21.28 15.83 10.25
N GLU B 134 -21.15 17.16 10.26
CA GLU B 134 -22.13 18.05 9.64
C GLU B 134 -21.44 18.88 8.56
N SER B 135 -22.00 18.88 7.35
CA SER B 135 -21.43 19.63 6.24
C SER B 135 -21.77 21.11 6.38
N VAL B 136 -20.75 21.96 6.39
CA VAL B 136 -20.92 23.40 6.50
C VAL B 136 -20.44 24.14 5.27
N PHE B 137 -19.97 23.43 4.24
CA PHE B 137 -19.59 24.03 2.97
C PHE B 137 -19.50 22.91 1.94
N SER B 138 -19.99 23.18 0.74
CA SER B 138 -19.82 22.25 -0.36
C SER B 138 -19.82 23.02 -1.67
N GLU B 139 -19.01 22.56 -2.62
CA GLU B 139 -18.83 23.27 -3.89
C GLU B 139 -18.37 22.27 -4.93
N PHE B 140 -19.20 22.03 -5.96
CA PHE B 140 -18.91 21.04 -6.97
C PHE B 140 -18.28 21.69 -8.20
N HIS B 141 -17.38 20.94 -8.86
CA HIS B 141 -16.73 21.39 -10.08
C HIS B 141 -16.66 20.27 -11.11
N ASP B 142 -17.01 20.59 -12.35
CA ASP B 142 -16.81 19.64 -13.43
C ASP B 142 -15.31 19.43 -13.70
N ALA B 143 -15.00 18.28 -14.28
CA ALA B 143 -13.68 18.08 -14.87
C ALA B 143 -13.47 19.08 -16.01
N ASP B 144 -12.21 19.37 -16.32
CA ASP B 144 -11.92 20.25 -17.46
C ASP B 144 -10.56 19.87 -18.03
N ALA B 145 -10.03 20.71 -18.92
CA ALA B 145 -8.79 20.36 -19.61
C ALA B 145 -7.63 20.21 -18.64
N GLN B 146 -7.67 20.89 -17.50
CA GLN B 146 -6.61 20.86 -16.51
C GLN B 146 -6.83 19.83 -15.41
N ASN B 147 -8.08 19.43 -15.17
CA ASN B 147 -8.44 18.59 -14.04
C ASN B 147 -9.06 17.29 -14.55
N SER B 148 -8.38 16.17 -14.28
CA SER B 148 -8.70 14.89 -14.91
C SER B 148 -10.09 14.37 -14.58
N HIS B 149 -10.68 14.75 -13.44
CA HIS B 149 -11.93 14.19 -12.96
C HIS B 149 -12.74 15.29 -12.31
N SER B 150 -14.06 15.08 -12.22
CA SER B 150 -14.86 16.01 -11.45
C SER B 150 -14.60 15.83 -9.95
N TYR B 151 -14.88 16.88 -9.18
CA TYR B 151 -14.50 16.91 -7.77
C TYR B 151 -15.43 17.85 -7.01
N CYS B 152 -15.59 17.57 -5.71
CA CYS B 152 -16.41 18.40 -4.84
C CYS B 152 -15.64 18.73 -3.57
N PHE B 153 -15.55 20.02 -3.24
CA PHE B 153 -14.93 20.48 -2.01
C PHE B 153 -15.99 20.50 -0.92
N GLU B 154 -15.63 19.99 0.26
CA GLU B 154 -16.56 19.94 1.37
C GLU B 154 -15.82 20.22 2.67
N ILE B 155 -16.46 20.97 3.57
CA ILE B 155 -15.94 21.16 4.91
C ILE B 155 -16.95 20.59 5.89
N LEU B 156 -16.49 19.71 6.78
CA LEU B 156 -17.33 19.00 7.74
C LEU B 156 -16.86 19.35 9.16
N GLU B 157 -17.82 19.57 10.05
CA GLU B 157 -17.49 19.82 11.46
C GLU B 157 -18.01 18.67 12.32
N ARG B 158 -17.24 18.32 13.35
CA ARG B 158 -17.60 17.18 14.18
C ARG B 158 -18.84 17.51 15.01
N ARG B 159 -19.86 16.66 14.95
CA ARG B 159 -21.09 16.88 15.69
C ARG B 159 -20.88 16.76 17.20
#